data_6EQX
#
_entry.id   6EQX
#
_cell.length_a   131.805
_cell.length_b   131.805
_cell.length_c   155.347
_cell.angle_alpha   90.00
_cell.angle_beta   90.00
_cell.angle_gamma   120.00
#
_symmetry.space_group_name_H-M   'P 65 2 2'
#
loop_
_entity.id
_entity.type
_entity.pdbx_description
1 polymer Furin
2 polymer Arg-Arg-Arg-Val-Arg-00S
3 non-polymer 'CALCIUM ION'
4 non-polymer 'SODIUM ION'
5 non-polymer 'CHLORIDE ION'
6 water water
#
loop_
_entity_poly.entity_id
_entity_poly.type
_entity_poly.pdbx_seq_one_letter_code
_entity_poly.pdbx_strand_id
1 'polypeptide(L)'
;DVYQEPTDPKFPQQWYLSGVTQRDLNVKAAWAQGYTGHGIVVSILDDGIEKNHPDLAGNYDPGASFDVNDQDPDPQPRYT
QMNDNRHGTRCAGEVAAVANNGVCGVGVAYNARIGGVRMLDGEVTDAVEARSLGLNPNHIHIYSASWGPEDDGKTVDGPA
RLAEEAFFRGVSQGRGGLGSIFVWASGNGGREHDSCNCDGYTNSIYTLSISSATQFGNVPWYSEACSSTLATTYSSGNQN
EKQIVTTDLRQKCTESHTGTSASAPLAAGIIALTLEANKNLTWRDMQHLVVQTSKPAHLNANDWATNGVGRKVSHSYGYG
LLDAGAMVALAQNWTTVAPQRKCIIDILTEPKDIGKRLEVRKTVTACLGEPNHITRLEHAQARLTLSYNRRGDLAIHLVS
PMGTRSTLLAARPHDYSADGFNDWAFMTTHSWDEDPSGEWVLEIENTSEANNYGTLTKFTLVLYGTASGSLVPRGSHHHH
HH
;
A
2 'polypeptide(L)' RRRVR(00S) D
#
# COMPACT_ATOMS: atom_id res chain seq x y z
N VAL A 2 25.51 -14.34 18.07
CA VAL A 2 25.18 -13.73 19.34
C VAL A 2 23.69 -13.36 19.41
N TYR A 3 23.08 -13.00 18.26
CA TYR A 3 21.65 -12.74 18.26
C TYR A 3 20.87 -14.02 18.56
N GLN A 4 19.96 -13.93 19.52
CA GLN A 4 19.11 -15.06 19.88
C GLN A 4 17.68 -14.76 19.41
N GLU A 5 17.18 -15.61 18.51
CA GLU A 5 15.83 -15.45 18.00
C GLU A 5 14.81 -15.63 19.13
N PRO A 6 13.58 -15.11 18.95
CA PRO A 6 12.60 -15.17 20.04
C PRO A 6 12.26 -16.60 20.44
N THR A 7 11.90 -16.75 21.71
CA THR A 7 11.54 -18.05 22.26
C THR A 7 10.04 -18.21 22.43
N ASP A 8 9.24 -17.25 21.94
CA ASP A 8 7.80 -17.30 22.14
C ASP A 8 7.22 -18.60 21.58
N PRO A 9 6.14 -19.11 22.18
CA PRO A 9 5.67 -20.46 21.84
C PRO A 9 5.21 -20.62 20.41
N LYS A 10 4.59 -19.59 19.82
CA LYS A 10 4.12 -19.67 18.44
C LYS A 10 5.10 -19.06 17.45
N PHE A 11 6.26 -18.58 17.91
CA PHE A 11 7.24 -18.07 16.95
C PHE A 11 7.65 -19.12 15.92
N PRO A 12 7.80 -20.40 16.25
CA PRO A 12 8.13 -21.38 15.20
C PRO A 12 7.05 -21.52 14.14
N GLN A 13 5.82 -21.10 14.41
CA GLN A 13 4.77 -21.11 13.40
C GLN A 13 4.76 -19.84 12.55
N GLN A 14 5.64 -18.88 12.83
CA GLN A 14 5.67 -17.63 12.07
C GLN A 14 6.60 -17.79 10.87
N TRP A 15 6.13 -18.64 9.96
CA TRP A 15 6.91 -19.05 8.80
C TRP A 15 7.31 -17.87 7.92
N TYR A 16 6.53 -16.79 7.96
CA TYR A 16 6.77 -15.63 7.10
C TYR A 16 7.84 -14.69 7.67
N LEU A 17 8.16 -14.83 8.95
CA LEU A 17 9.21 -14.00 9.54
C LEU A 17 10.59 -14.57 9.22
N SER A 18 10.74 -15.88 9.36
CA SER A 18 12.02 -16.51 9.06
C SER A 18 11.80 -17.99 8.80
N GLY A 19 12.59 -18.51 7.87
CA GLY A 19 12.71 -19.94 7.63
C GLY A 19 13.99 -20.19 6.87
N VAL A 20 14.37 -21.46 6.83
CA VAL A 20 15.46 -21.85 5.94
C VAL A 20 14.98 -21.92 4.49
N THR A 21 13.67 -21.98 4.28
CA THR A 21 13.09 -22.18 2.94
C THR A 21 13.34 -20.98 2.01
N GLN A 22 13.65 -19.80 2.57
CA GLN A 22 13.73 -18.51 1.88
C GLN A 22 12.38 -18.04 1.35
N ARG A 23 11.30 -18.75 1.65
CA ARG A 23 9.96 -18.21 1.47
C ARG A 23 9.58 -17.38 2.71
N ASP A 24 10.35 -16.32 2.95
CA ASP A 24 10.04 -15.45 4.08
C ASP A 24 10.42 -14.00 3.79
N LEU A 25 10.08 -13.13 4.73
CA LEU A 25 10.32 -11.70 4.62
C LEU A 25 11.68 -11.28 5.14
N ASN A 26 12.52 -12.23 5.52
CA ASN A 26 13.91 -11.96 5.89
C ASN A 26 13.96 -10.97 7.06
N VAL A 27 13.09 -11.20 8.05
CA VAL A 27 13.01 -10.27 9.17
C VAL A 27 14.06 -10.59 10.22
N LYS A 28 14.40 -11.87 10.40
CA LYS A 28 15.43 -12.22 11.38
C LYS A 28 16.76 -11.57 11.04
N ALA A 29 17.08 -11.48 9.74
CA ALA A 29 18.31 -10.82 9.33
C ALA A 29 18.35 -9.37 9.78
N ALA A 30 17.19 -8.70 9.84
CA ALA A 30 17.16 -7.33 10.34
C ALA A 30 17.30 -7.28 11.86
N TRP A 31 16.63 -8.20 12.57
CA TRP A 31 16.82 -8.32 14.01
C TRP A 31 18.28 -8.53 14.36
N ALA A 32 18.97 -9.39 13.59
CA ALA A 32 20.37 -9.67 13.88
C ALA A 32 21.26 -8.46 13.64
N GLN A 33 20.89 -7.58 12.70
CA GLN A 33 21.60 -6.32 12.56
C GLN A 33 21.30 -5.33 13.68
N GLY A 34 20.46 -5.69 14.64
CA GLY A 34 20.15 -4.82 15.76
C GLY A 34 18.88 -4.00 15.65
N TYR A 35 18.01 -4.27 14.68
CA TYR A 35 16.83 -3.45 14.46
C TYR A 35 15.59 -4.26 14.82
N THR A 36 14.92 -3.85 15.90
CA THR A 36 13.71 -4.51 16.36
C THR A 36 12.56 -3.52 16.52
N GLY A 37 12.74 -2.27 16.13
CA GLY A 37 11.69 -1.28 16.20
C GLY A 37 11.78 -0.31 17.37
N HIS A 38 12.82 -0.41 18.20
N HIS A 38 12.81 -0.42 18.21
CA HIS A 38 12.91 0.46 19.36
CA HIS A 38 13.00 0.49 19.34
C HIS A 38 12.88 1.92 18.93
C HIS A 38 12.87 1.94 18.91
N GLY A 39 12.02 2.70 19.60
CA GLY A 39 11.88 4.11 19.35
C GLY A 39 10.90 4.48 18.24
N ILE A 40 10.38 3.52 17.51
CA ILE A 40 9.45 3.78 16.41
C ILE A 40 8.03 3.58 16.91
N VAL A 41 7.11 4.39 16.41
CA VAL A 41 5.73 4.42 16.86
C VAL A 41 4.82 4.11 15.69
N VAL A 42 4.02 3.05 15.81
CA VAL A 42 3.10 2.63 14.76
C VAL A 42 1.68 2.71 15.30
N SER A 43 0.76 3.23 14.50
CA SER A 43 -0.64 3.26 14.88
C SER A 43 -1.49 2.48 13.88
N ILE A 44 -2.37 1.64 14.42
CA ILE A 44 -3.27 0.80 13.65
C ILE A 44 -4.60 1.51 13.57
N LEU A 45 -4.98 1.94 12.37
CA LEU A 45 -6.26 2.63 12.15
C LEU A 45 -7.31 1.56 11.84
N ASP A 46 -8.19 1.28 12.79
CA ASP A 46 -9.04 0.10 12.61
C ASP A 46 -10.22 0.17 13.57
N ASP A 47 -10.67 -0.99 14.06
CA ASP A 47 -11.85 -1.07 14.91
C ASP A 47 -11.50 -1.08 16.40
N GLY A 48 -10.29 -0.69 16.75
CA GLY A 48 -9.84 -0.67 18.12
C GLY A 48 -8.64 -1.58 18.35
N ILE A 49 -8.05 -1.45 19.54
CA ILE A 49 -6.92 -2.29 19.92
C ILE A 49 -7.08 -2.70 21.37
N GLU A 50 -6.89 -3.99 21.65
CA GLU A 50 -7.03 -4.49 23.01
C GLU A 50 -5.74 -4.15 23.75
N LYS A 51 -5.75 -2.97 24.39
CA LYS A 51 -4.50 -2.41 24.88
C LYS A 51 -3.93 -3.17 26.07
N ASN A 52 -4.75 -4.01 26.71
CA ASN A 52 -4.33 -4.82 27.84
C ASN A 52 -4.01 -6.26 27.42
N HIS A 53 -3.92 -6.53 26.13
CA HIS A 53 -3.59 -7.87 25.68
C HIS A 53 -2.22 -8.28 26.21
N PRO A 54 -2.08 -9.52 26.70
CA PRO A 54 -0.77 -9.98 27.23
C PRO A 54 0.39 -9.82 26.26
N ASP A 55 0.15 -9.85 24.95
CA ASP A 55 1.23 -9.69 23.99
C ASP A 55 1.29 -8.30 23.36
N LEU A 56 0.43 -7.37 23.78
CA LEU A 56 0.53 -5.97 23.34
C LEU A 56 0.81 -4.98 24.46
N ALA A 57 0.46 -5.31 25.71
CA ALA A 57 0.51 -4.32 26.79
C ALA A 57 1.90 -3.72 26.93
N GLY A 58 2.94 -4.55 26.79
CA GLY A 58 4.30 -4.06 26.99
C GLY A 58 4.74 -3.04 25.95
N ASN A 59 4.12 -3.04 24.78
CA ASN A 59 4.47 -2.12 23.71
C ASN A 59 3.42 -1.03 23.50
N TYR A 60 2.30 -1.08 24.21
CA TYR A 60 1.19 -0.18 23.93
C TYR A 60 1.57 1.26 24.23
N ASP A 61 1.10 2.16 23.37
CA ASP A 61 1.41 3.59 23.47
C ASP A 61 0.11 4.38 23.40
N PRO A 62 -0.36 4.93 24.53
CA PRO A 62 -1.56 5.76 24.48
C PRO A 62 -1.39 6.99 23.61
N GLY A 63 -0.14 7.46 23.43
CA GLY A 63 0.11 8.58 22.56
C GLY A 63 -0.09 8.26 21.09
N ALA A 64 -0.17 6.98 20.73
CA ALA A 64 -0.42 6.56 19.36
C ALA A 64 -1.85 6.12 19.16
N SER A 65 -2.74 6.46 20.09
CA SER A 65 -4.07 5.87 20.14
C SER A 65 -5.12 6.93 20.34
N PHE A 66 -6.32 6.66 19.83
CA PHE A 66 -7.48 7.50 20.09
C PHE A 66 -8.73 6.71 19.68
N ASP A 67 -9.86 7.12 20.20
CA ASP A 67 -11.14 6.55 19.83
C ASP A 67 -11.93 7.63 19.12
N VAL A 68 -11.92 7.57 17.79
CA VAL A 68 -12.64 8.56 16.99
C VAL A 68 -14.12 8.21 16.94
N ASN A 69 -14.48 6.93 17.01
CA ASN A 69 -15.90 6.55 16.95
C ASN A 69 -16.68 7.11 18.13
N ASP A 70 -16.12 7.02 19.34
CA ASP A 70 -16.77 7.54 20.55
C ASP A 70 -16.17 8.85 21.05
N GLN A 71 -15.14 9.37 20.39
CA GLN A 71 -14.47 10.62 20.79
C GLN A 71 -13.97 10.56 22.24
N ASP A 72 -13.02 9.65 22.46
CA ASP A 72 -12.34 9.55 23.74
C ASP A 72 -10.95 8.99 23.49
N PRO A 73 -10.05 9.03 24.48
CA PRO A 73 -8.68 8.58 24.25
C PRO A 73 -8.50 7.08 24.19
N ASP A 74 -9.51 6.29 24.60
CA ASP A 74 -9.31 4.88 24.89
C ASP A 74 -9.79 4.04 23.71
N PRO A 75 -8.89 3.39 22.97
CA PRO A 75 -9.30 2.67 21.76
C PRO A 75 -9.75 1.24 22.01
N GLN A 76 -10.09 0.91 23.26
CA GLN A 76 -10.48 -0.46 23.57
C GLN A 76 -11.59 -0.91 22.61
N PRO A 77 -11.52 -2.11 22.07
CA PRO A 77 -12.59 -2.59 21.19
C PRO A 77 -13.90 -2.75 21.95
N ARG A 78 -15.00 -2.63 21.21
CA ARG A 78 -16.32 -2.90 21.76
C ARG A 78 -16.59 -4.40 21.67
N TYR A 79 -16.77 -5.05 22.83
CA TYR A 79 -16.92 -6.50 22.84
C TYR A 79 -18.34 -6.89 22.46
N THR A 80 -18.45 -7.87 21.56
CA THR A 80 -19.73 -8.40 21.14
C THR A 80 -19.59 -9.92 21.10
N GLN A 81 -20.74 -10.60 21.00
CA GLN A 81 -20.73 -12.07 20.92
C GLN A 81 -20.03 -12.54 19.66
N MET A 82 -20.23 -11.84 18.55
CA MET A 82 -19.63 -12.23 17.28
C MET A 82 -18.15 -11.85 17.18
N ASN A 83 -17.60 -11.15 18.18
CA ASN A 83 -16.21 -10.69 18.15
C ASN A 83 -15.92 -9.89 16.88
N ASP A 84 -16.88 -9.03 16.50
CA ASP A 84 -16.75 -8.25 15.27
C ASP A 84 -15.53 -7.33 15.28
N ASN A 85 -15.12 -6.88 16.46
CA ASN A 85 -14.09 -5.85 16.59
C ASN A 85 -12.74 -6.45 16.95
N ARG A 86 -12.42 -7.62 16.42
CA ARG A 86 -11.14 -8.28 16.62
C ARG A 86 -10.09 -7.84 15.61
N HIS A 87 -10.52 -7.12 14.58
CA HIS A 87 -9.69 -6.90 13.39
C HIS A 87 -8.45 -6.07 13.71
N GLY A 88 -8.64 -4.95 14.41
CA GLY A 88 -7.51 -4.10 14.75
C GLY A 88 -6.50 -4.75 15.69
N THR A 89 -6.98 -5.59 16.63
CA THR A 89 -6.06 -6.24 17.56
C THR A 89 -5.19 -7.25 16.83
N ARG A 90 -5.76 -7.98 15.87
CA ARG A 90 -4.97 -8.89 15.04
C ARG A 90 -3.91 -8.12 14.26
N CYS A 91 -4.29 -7.00 13.64
CA CYS A 91 -3.31 -6.20 12.89
C CYS A 91 -2.19 -5.72 13.80
N ALA A 92 -2.52 -5.27 15.01
CA ALA A 92 -1.51 -4.71 15.91
C ALA A 92 -0.44 -5.74 16.27
N GLY A 93 -0.85 -6.97 16.59
CA GLY A 93 0.12 -7.98 16.98
C GLY A 93 1.08 -8.35 15.88
N GLU A 94 0.66 -8.21 14.62
CA GLU A 94 1.58 -8.45 13.52
C GLU A 94 2.71 -7.46 13.53
N VAL A 95 2.41 -6.21 13.90
CA VAL A 95 3.42 -5.16 13.93
C VAL A 95 4.34 -5.34 15.13
N ALA A 96 3.75 -5.51 16.32
CA ALA A 96 4.50 -5.22 17.54
C ALA A 96 4.11 -6.10 18.73
N ALA A 97 3.69 -7.33 18.50
CA ALA A 97 3.53 -8.25 19.62
C ALA A 97 4.86 -8.44 20.35
N VAL A 98 4.80 -8.49 21.68
CA VAL A 98 6.01 -8.54 22.50
C VAL A 98 6.75 -9.85 22.27
N ALA A 99 8.09 -9.78 22.29
CA ALA A 99 8.92 -10.96 22.10
C ALA A 99 9.38 -11.50 23.44
N ASN A 100 9.68 -12.81 23.47
CA ASN A 100 10.38 -13.44 24.59
C ASN A 100 9.61 -13.31 25.90
N ASN A 101 8.28 -13.45 25.82
CA ASN A 101 7.44 -13.32 27.00
C ASN A 101 6.51 -14.54 27.16
N GLY A 102 6.82 -15.65 26.51
CA GLY A 102 6.05 -16.87 26.68
C GLY A 102 4.61 -16.79 26.21
N VAL A 103 4.25 -15.76 25.45
CA VAL A 103 2.88 -15.57 24.98
C VAL A 103 2.89 -15.48 23.46
N CYS A 104 2.08 -16.31 22.81
CA CYS A 104 1.75 -16.22 21.37
C CYS A 104 3.04 -16.14 20.56
N GLY A 105 3.15 -15.22 19.58
CA GLY A 105 4.33 -15.11 18.76
C GLY A 105 5.01 -13.77 18.96
N VAL A 106 5.53 -13.16 17.90
CA VAL A 106 6.20 -11.86 18.01
C VAL A 106 5.81 -10.99 16.84
N GLY A 107 5.80 -9.68 17.06
CA GLY A 107 5.63 -8.75 15.97
C GLY A 107 6.89 -8.63 15.13
N VAL A 108 6.72 -8.15 13.89
CA VAL A 108 7.88 -7.83 13.07
C VAL A 108 8.79 -6.86 13.80
N ALA A 109 8.22 -5.85 14.41
CA ALA A 109 8.97 -4.82 15.12
C ALA A 109 8.60 -4.94 16.60
N TYR A 110 9.11 -5.99 17.23
CA TYR A 110 8.58 -6.39 18.53
C TYR A 110 9.04 -5.48 19.68
N ASN A 111 9.89 -4.50 19.41
CA ASN A 111 10.22 -3.47 20.38
C ASN A 111 9.70 -2.09 19.97
N ALA A 112 8.92 -2.01 18.91
CA ALA A 112 8.28 -0.76 18.57
C ALA A 112 7.15 -0.47 19.54
N ARG A 113 6.73 0.79 19.58
N ARG A 113 6.74 0.80 19.59
CA ARG A 113 5.54 1.16 20.32
CA ARG A 113 5.54 1.20 20.31
C ARG A 113 4.34 1.11 19.38
C ARG A 113 4.34 1.09 19.36
N ILE A 114 3.23 0.56 19.88
CA ILE A 114 2.06 0.29 19.06
C ILE A 114 0.84 0.97 19.67
N GLY A 115 0.06 1.64 18.81
CA GLY A 115 -1.19 2.24 19.23
C GLY A 115 -2.29 1.84 18.26
N GLY A 116 -3.52 2.23 18.61
CA GLY A 116 -4.61 1.98 17.70
C GLY A 116 -5.59 3.14 17.67
N VAL A 117 -6.18 3.39 16.51
CA VAL A 117 -7.25 4.36 16.41
C VAL A 117 -8.53 3.59 16.18
N ARG A 118 -9.47 3.72 17.12
CA ARG A 118 -10.77 3.10 16.97
C ARG A 118 -11.59 4.02 16.08
N MET A 119 -11.71 3.66 14.80
CA MET A 119 -12.46 4.50 13.87
C MET A 119 -13.33 3.72 12.90
N LEU A 120 -13.22 2.40 12.80
CA LEU A 120 -14.10 1.66 11.89
C LEU A 120 -15.40 1.20 12.54
N ASP A 121 -15.55 1.31 13.85
CA ASP A 121 -16.72 0.75 14.54
C ASP A 121 -17.79 1.84 14.67
N GLY A 122 -18.40 2.15 13.54
CA GLY A 122 -19.28 3.29 13.41
C GLY A 122 -19.32 3.71 11.96
N GLU A 123 -20.05 4.79 11.70
CA GLU A 123 -20.09 5.35 10.37
C GLU A 123 -18.73 6.00 10.06
N VAL A 124 -18.08 5.54 8.99
CA VAL A 124 -16.72 6.00 8.68
C VAL A 124 -16.88 7.14 7.67
N THR A 125 -16.98 8.36 8.19
CA THR A 125 -17.15 9.53 7.34
C THR A 125 -15.78 10.07 6.94
N ASP A 126 -15.81 11.03 6.02
CA ASP A 126 -14.60 11.76 5.64
C ASP A 126 -13.93 12.39 6.87
N ALA A 127 -14.72 12.99 7.77
CA ALA A 127 -14.13 13.60 8.96
C ALA A 127 -13.51 12.55 9.88
N VAL A 128 -14.14 11.39 10.01
CA VAL A 128 -13.58 10.31 10.83
C VAL A 128 -12.22 9.89 10.28
N GLU A 129 -12.14 9.68 8.96
CA GLU A 129 -10.87 9.30 8.37
C GLU A 129 -9.81 10.37 8.60
N ALA A 130 -10.18 11.63 8.42
CA ALA A 130 -9.22 12.71 8.51
C ALA A 130 -8.68 12.86 9.94
N ARG A 131 -9.55 12.74 10.94
CA ARG A 131 -9.08 12.83 12.31
C ARG A 131 -8.19 11.66 12.66
N SER A 132 -8.38 10.51 12.00
CA SER A 132 -7.57 9.32 12.27
C SER A 132 -6.21 9.42 11.59
N LEU A 133 -6.21 9.74 10.30
CA LEU A 133 -4.98 9.90 9.54
C LEU A 133 -4.13 11.05 10.07
N GLY A 134 -4.76 12.07 10.65
CA GLY A 134 -4.03 13.21 11.15
C GLY A 134 -3.80 13.18 12.65
N LEU A 135 -3.91 12.00 13.25
CA LEU A 135 -3.71 11.88 14.70
C LEU A 135 -2.23 12.03 15.07
N ASN A 136 -1.94 12.94 16.00
CA ASN A 136 -0.64 13.10 16.64
C ASN A 136 0.51 12.91 15.65
N PRO A 137 0.53 13.67 14.55
CA PRO A 137 1.46 13.35 13.45
C PRO A 137 2.91 13.66 13.77
N ASN A 138 3.21 14.29 14.90
CA ASN A 138 4.59 14.43 15.32
C ASN A 138 4.97 13.45 16.42
N HIS A 139 4.10 12.48 16.71
CA HIS A 139 4.45 11.37 17.59
C HIS A 139 4.38 10.03 16.85
N ILE A 140 3.31 9.80 16.10
CA ILE A 140 3.19 8.57 15.31
C ILE A 140 4.07 8.70 14.07
N HIS A 141 4.87 7.66 13.79
CA HIS A 141 5.69 7.64 12.60
C HIS A 141 4.98 7.00 11.42
N ILE A 142 4.31 5.88 11.67
CA ILE A 142 3.76 5.01 10.63
C ILE A 142 2.30 4.72 10.96
N TYR A 143 1.43 4.90 9.98
CA TYR A 143 0.01 4.58 10.09
C TYR A 143 -0.29 3.38 9.22
N SER A 144 -1.04 2.42 9.76
CA SER A 144 -1.36 1.20 9.03
C SER A 144 -2.87 1.08 8.90
N ALA A 145 -3.36 0.86 7.68
CA ALA A 145 -4.79 0.86 7.41
C ALA A 145 -5.16 -0.39 6.61
N SER A 146 -5.83 -1.32 7.28
CA SER A 146 -6.34 -2.53 6.61
C SER A 146 -7.85 -2.41 6.41
N TRP A 147 -8.22 -1.37 5.67
CA TRP A 147 -9.61 -1.05 5.39
C TRP A 147 -9.67 -0.18 4.16
N GLY A 148 -10.88 -0.01 3.62
CA GLY A 148 -11.04 0.85 2.48
C GLY A 148 -12.45 0.81 1.92
N PRO A 149 -12.62 1.33 0.71
CA PRO A 149 -13.92 1.24 0.04
C PRO A 149 -14.30 -0.22 -0.19
N GLU A 150 -15.59 -0.45 -0.35
CA GLU A 150 -16.09 -1.81 -0.53
C GLU A 150 -15.44 -2.48 -1.72
N ASP A 151 -15.17 -3.77 -1.58
CA ASP A 151 -14.56 -4.56 -2.64
C ASP A 151 -15.61 -5.29 -3.45
N ASP A 152 -16.68 -4.60 -3.84
CA ASP A 152 -17.70 -5.27 -4.63
C ASP A 152 -17.35 -5.33 -6.11
N GLY A 153 -16.28 -4.68 -6.53
CA GLY A 153 -15.91 -4.70 -7.93
C GLY A 153 -16.70 -3.77 -8.81
N LYS A 154 -17.52 -2.89 -8.22
CA LYS A 154 -18.17 -1.85 -8.99
C LYS A 154 -17.96 -0.46 -8.43
N THR A 155 -17.31 -0.33 -7.28
CA THR A 155 -17.09 0.95 -6.63
C THR A 155 -15.86 1.65 -7.18
N VAL A 156 -15.99 2.96 -7.43
CA VAL A 156 -14.86 3.85 -7.64
C VAL A 156 -14.95 4.89 -6.55
N ASP A 157 -14.00 4.89 -5.63
CA ASP A 157 -14.11 5.78 -4.48
C ASP A 157 -12.73 5.99 -3.89
N GLY A 158 -12.52 7.17 -3.31
CA GLY A 158 -11.27 7.49 -2.68
C GLY A 158 -11.46 8.48 -1.55
N PRO A 159 -10.37 8.99 -0.99
CA PRO A 159 -10.49 9.97 0.09
C PRO A 159 -11.24 11.21 -0.39
N ALA A 160 -12.20 11.66 0.41
CA ALA A 160 -12.85 12.94 0.17
C ALA A 160 -11.93 14.06 0.67
N ARG A 161 -12.45 15.28 0.78
CA ARG A 161 -11.56 16.44 0.92
C ARG A 161 -10.78 16.42 2.22
N LEU A 162 -11.44 16.14 3.35
CA LEU A 162 -10.71 16.18 4.62
C LEU A 162 -9.65 15.09 4.69
N ALA A 163 -9.95 13.90 4.18
CA ALA A 163 -8.98 12.81 4.21
C ALA A 163 -7.82 13.11 3.28
N GLU A 164 -8.09 13.66 2.11
CA GLU A 164 -7.00 14.02 1.20
C GLU A 164 -6.13 15.12 1.80
N GLU A 165 -6.75 16.09 2.47
CA GLU A 165 -5.98 17.09 3.20
C GLU A 165 -5.13 16.46 4.29
N ALA A 166 -5.66 15.43 4.97
CA ALA A 166 -4.86 14.75 6.00
C ALA A 166 -3.63 14.09 5.41
N PHE A 167 -3.77 13.43 4.25
CA PHE A 167 -2.62 12.84 3.58
C PHE A 167 -1.58 13.90 3.26
N PHE A 168 -2.00 15.01 2.66
CA PHE A 168 -1.04 16.03 2.25
C PHE A 168 -0.37 16.67 3.46
N ARG A 169 -1.15 17.00 4.50
CA ARG A 169 -0.58 17.53 5.73
C ARG A 169 0.38 16.53 6.35
N GLY A 170 0.03 15.25 6.31
CA GLY A 170 0.86 14.23 6.92
C GLY A 170 2.21 14.10 6.21
N VAL A 171 2.20 14.03 4.88
CA VAL A 171 3.48 13.84 4.21
C VAL A 171 4.29 15.12 4.20
N SER A 172 3.65 16.29 4.34
CA SER A 172 4.38 17.55 4.29
C SER A 172 4.93 17.95 5.66
N GLN A 173 4.11 17.86 6.70
CA GLN A 173 4.51 18.37 8.01
C GLN A 173 4.66 17.28 9.06
N GLY A 174 4.14 16.08 8.83
CA GLY A 174 4.27 15.02 9.81
C GLY A 174 5.72 14.59 10.00
N ARG A 175 5.98 13.99 11.16
CA ARG A 175 7.29 13.41 11.46
C ARG A 175 8.41 14.45 11.26
N GLY A 176 8.18 15.65 11.79
CA GLY A 176 9.17 16.70 11.71
C GLY A 176 9.41 17.23 10.32
N GLY A 177 8.43 17.15 9.43
CA GLY A 177 8.60 17.52 8.05
C GLY A 177 9.09 16.42 7.16
N LEU A 178 9.50 15.28 7.72
CA LEU A 178 9.91 14.16 6.88
C LEU A 178 8.72 13.44 6.25
N GLY A 179 7.53 13.56 6.84
CA GLY A 179 6.34 12.97 6.26
C GLY A 179 5.86 11.70 6.94
N SER A 180 4.59 11.69 7.35
CA SER A 180 3.99 10.46 7.85
C SER A 180 4.13 9.35 6.84
N ILE A 181 4.33 8.11 7.32
CA ILE A 181 4.32 6.94 6.47
C ILE A 181 2.93 6.31 6.53
N PHE A 182 2.23 6.25 5.41
CA PHE A 182 0.91 5.64 5.34
C PHE A 182 1.01 4.32 4.59
N VAL A 183 0.67 3.21 5.27
CA VAL A 183 0.72 1.87 4.71
C VAL A 183 -0.70 1.38 4.51
N TRP A 184 -1.02 0.91 3.30
CA TRP A 184 -2.40 0.55 2.96
C TRP A 184 -2.49 -0.87 2.44
N ALA A 185 -3.53 -1.57 2.86
CA ALA A 185 -3.82 -2.90 2.30
C ALA A 185 -4.49 -2.72 0.96
N SER A 186 -3.99 -3.39 -0.08
CA SER A 186 -4.46 -3.12 -1.43
C SER A 186 -5.89 -3.61 -1.68
N GLY A 187 -6.40 -4.55 -0.90
CA GLY A 187 -7.81 -4.91 -1.06
C GLY A 187 -8.12 -6.41 -1.08
N ASN A 188 -9.36 -6.77 -0.76
CA ASN A 188 -9.77 -8.17 -0.77
C ASN A 188 -10.75 -8.50 -1.87
N GLY A 189 -10.79 -7.73 -2.96
CA GLY A 189 -11.83 -7.88 -3.97
C GLY A 189 -11.51 -8.85 -5.10
N GLY A 190 -10.58 -9.78 -4.87
CA GLY A 190 -10.15 -10.67 -5.94
C GLY A 190 -11.29 -11.48 -6.53
N ARG A 191 -12.18 -12.01 -5.68
CA ARG A 191 -13.27 -12.83 -6.18
C ARG A 191 -14.22 -12.05 -7.06
N GLU A 192 -14.39 -10.75 -6.78
CA GLU A 192 -15.20 -9.85 -7.58
C GLU A 192 -14.46 -9.26 -8.77
N HIS A 193 -13.24 -9.71 -9.04
CA HIS A 193 -12.40 -9.13 -10.09
C HIS A 193 -12.23 -7.63 -9.90
N ASP A 194 -12.06 -7.21 -8.66
CA ASP A 194 -11.87 -5.80 -8.36
C ASP A 194 -10.47 -5.34 -8.78
N SER A 195 -10.33 -4.05 -9.01
CA SER A 195 -9.04 -3.43 -9.32
C SER A 195 -8.72 -2.42 -8.24
N CYS A 196 -7.52 -2.52 -7.67
CA CYS A 196 -7.16 -1.55 -6.64
C CYS A 196 -6.82 -0.17 -7.21
N ASN A 197 -6.84 0.00 -8.54
CA ASN A 197 -6.78 1.35 -9.08
C ASN A 197 -8.12 2.07 -9.02
N CYS A 198 -9.21 1.38 -8.68
CA CYS A 198 -10.50 2.03 -8.45
C CYS A 198 -10.70 2.42 -7.00
N ASP A 199 -9.61 2.46 -6.24
CA ASP A 199 -9.59 2.70 -4.80
C ASP A 199 -8.59 3.83 -4.61
N GLY A 200 -9.07 5.02 -4.23
CA GLY A 200 -8.18 6.17 -4.16
C GLY A 200 -7.22 6.13 -2.99
N TYR A 201 -7.46 5.28 -2.00
CA TYR A 201 -6.52 5.13 -0.88
C TYR A 201 -5.26 4.40 -1.33
N THR A 202 -5.44 3.24 -1.94
CA THR A 202 -4.31 2.48 -2.48
C THR A 202 -3.69 3.21 -3.66
N ASN A 203 -4.52 3.81 -4.52
CA ASN A 203 -4.07 4.56 -5.69
C ASN A 203 -3.28 5.83 -5.34
N SER A 204 -3.32 6.28 -4.08
CA SER A 204 -2.66 7.52 -3.69
C SER A 204 -1.14 7.38 -3.76
N ILE A 205 -0.46 8.47 -4.15
CA ILE A 205 1.01 8.41 -4.10
C ILE A 205 1.51 8.50 -2.67
N TYR A 206 0.67 8.97 -1.75
CA TYR A 206 1.08 9.16 -0.36
C TYR A 206 0.98 7.89 0.48
N THR A 207 0.47 6.80 -0.08
CA THR A 207 0.35 5.53 0.64
C THR A 207 1.24 4.49 -0.03
N LEU A 208 1.80 3.59 0.77
CA LEU A 208 2.48 2.42 0.21
C LEU A 208 1.44 1.29 0.19
N SER A 209 0.93 0.98 -1.00
CA SER A 209 -0.10 -0.05 -1.12
C SER A 209 0.56 -1.41 -1.21
N ILE A 210 0.12 -2.34 -0.37
CA ILE A 210 0.79 -3.61 -0.16
C ILE A 210 -0.15 -4.75 -0.53
N SER A 211 0.30 -5.64 -1.40
CA SER A 211 -0.48 -6.81 -1.78
C SER A 211 0.01 -8.06 -1.04
N SER A 212 -0.60 -9.21 -1.35
CA SER A 212 -0.40 -10.44 -0.60
C SER A 212 0.10 -11.57 -1.50
N ALA A 213 0.88 -12.47 -0.91
CA ALA A 213 1.25 -13.73 -1.56
C ALA A 213 0.97 -14.89 -0.61
N THR A 214 0.56 -16.03 -1.17
CA THR A 214 0.36 -17.22 -0.35
C THR A 214 1.71 -17.85 0.00
N GLN A 215 1.68 -18.77 0.98
CA GLN A 215 2.90 -19.44 1.42
C GLN A 215 3.64 -20.10 0.26
N PHE A 216 2.90 -20.72 -0.67
CA PHE A 216 3.53 -21.40 -1.80
C PHE A 216 3.90 -20.42 -2.92
N GLY A 217 3.82 -19.12 -2.68
CA GLY A 217 4.23 -18.14 -3.65
C GLY A 217 3.21 -17.81 -4.73
N ASN A 218 1.93 -17.92 -4.44
CA ASN A 218 0.92 -17.70 -5.45
C ASN A 218 0.06 -16.47 -5.14
N VAL A 219 -0.67 -16.03 -6.15
CA VAL A 219 -1.58 -14.89 -6.03
C VAL A 219 -2.84 -15.38 -5.33
N PRO A 220 -3.13 -14.91 -4.12
CA PRO A 220 -4.27 -15.45 -3.37
C PRO A 220 -5.59 -15.14 -4.05
N TRP A 221 -6.61 -15.91 -3.67
CA TRP A 221 -7.93 -15.75 -4.25
C TRP A 221 -8.47 -14.33 -4.08
N TYR A 222 -8.17 -13.67 -2.96
CA TYR A 222 -8.72 -12.35 -2.64
C TYR A 222 -7.94 -11.19 -3.27
N SER A 223 -6.82 -11.48 -3.93
CA SER A 223 -5.90 -10.44 -4.34
C SER A 223 -6.48 -9.57 -5.45
N GLU A 224 -6.24 -8.27 -5.38
CA GLU A 224 -6.60 -7.34 -6.45
C GLU A 224 -5.34 -6.91 -7.19
N ALA A 225 -5.39 -7.00 -8.51
CA ALA A 225 -4.28 -6.54 -9.35
C ALA A 225 -4.48 -5.07 -9.71
N CYS A 226 -3.39 -4.29 -9.66
CA CYS A 226 -3.43 -2.93 -10.19
C CYS A 226 -2.01 -2.41 -10.27
N SER A 227 -1.85 -1.29 -11.00
CA SER A 227 -0.52 -0.72 -11.20
C SER A 227 -0.07 0.16 -10.05
N SER A 228 -0.94 0.50 -9.10
CA SER A 228 -0.54 1.35 -7.99
C SER A 228 0.09 0.58 -6.83
N THR A 229 -0.02 -0.74 -6.82
CA THR A 229 0.61 -1.53 -5.77
C THR A 229 2.12 -1.38 -5.84
N LEU A 230 2.75 -1.28 -4.68
CA LEU A 230 4.20 -1.08 -4.61
C LEU A 230 4.98 -2.35 -4.29
N ALA A 231 4.48 -3.17 -3.38
CA ALA A 231 5.21 -4.36 -2.94
C ALA A 231 4.23 -5.30 -2.26
N THR A 232 4.77 -6.40 -1.71
CA THR A 232 3.99 -7.55 -1.27
C THR A 232 4.55 -8.09 0.03
N THR A 233 3.67 -8.57 0.91
CA THR A 233 4.09 -9.44 2.00
C THR A 233 3.22 -10.70 2.00
N TYR A 234 3.70 -11.73 2.68
CA TYR A 234 2.96 -12.97 2.78
C TYR A 234 1.65 -12.76 3.54
N SER A 235 0.64 -13.52 3.16
CA SER A 235 -0.58 -13.64 3.95
C SER A 235 -1.17 -15.03 3.72
N SER A 236 -2.48 -15.17 3.84
CA SER A 236 -3.10 -16.47 3.78
C SER A 236 -3.37 -16.88 2.34
N GLY A 237 -3.66 -18.16 2.15
CA GLY A 237 -4.03 -18.70 0.87
C GLY A 237 -5.04 -19.83 1.04
N ASN A 238 -4.74 -21.02 0.51
CA ASN A 238 -5.67 -22.14 0.63
C ASN A 238 -5.46 -22.84 1.97
N GLN A 239 -6.17 -23.94 2.20
CA GLN A 239 -6.18 -24.52 3.54
C GLN A 239 -5.02 -25.46 3.78
N ASN A 240 -4.18 -25.71 2.78
CA ASN A 240 -2.91 -26.38 3.01
C ASN A 240 -1.79 -25.39 3.30
N GLU A 241 -2.00 -24.11 3.05
CA GLU A 241 -0.99 -23.09 3.30
C GLU A 241 -1.20 -22.50 4.69
N LYS A 242 -0.09 -22.20 5.38
CA LYS A 242 -0.19 -21.64 6.72
C LYS A 242 -0.70 -20.20 6.66
N GLN A 243 -1.08 -19.69 7.82
CA GLN A 243 -1.67 -18.36 7.90
C GLN A 243 -0.85 -17.52 8.85
N ILE A 244 -1.40 -16.38 9.26
CA ILE A 244 -0.65 -15.40 10.03
C ILE A 244 -0.98 -15.56 11.51
N VAL A 245 0.06 -15.50 12.34
CA VAL A 245 -0.05 -15.73 13.78
C VAL A 245 -0.04 -14.40 14.48
N THR A 246 -1.08 -14.11 15.28
CA THR A 246 -1.14 -12.80 15.89
C THR A 246 -2.04 -12.82 17.11
N THR A 247 -2.06 -11.67 17.80
CA THR A 247 -2.88 -11.45 18.98
C THR A 247 -4.36 -11.37 18.58
N ASP A 248 -5.21 -12.01 19.36
CA ASP A 248 -6.64 -12.01 19.07
C ASP A 248 -7.40 -11.35 20.21
N LEU A 249 -8.64 -10.98 19.91
CA LEU A 249 -9.52 -10.36 20.89
C LEU A 249 -9.71 -11.30 22.09
N ARG A 250 -9.98 -10.70 23.25
CA ARG A 250 -10.18 -11.44 24.50
C ARG A 250 -8.89 -12.14 24.92
N GLN A 251 -7.76 -11.48 24.69
CA GLN A 251 -6.46 -11.89 25.22
C GLN A 251 -6.03 -13.26 24.71
N LYS A 252 -6.43 -13.59 23.50
CA LYS A 252 -6.13 -14.88 22.90
C LYS A 252 -5.08 -14.74 21.81
N CYS A 253 -4.66 -15.89 21.30
CA CYS A 253 -3.70 -16.01 20.22
C CYS A 253 -4.40 -16.72 19.08
N THR A 254 -4.19 -16.26 17.85
CA THR A 254 -4.80 -16.88 16.69
C THR A 254 -3.73 -17.24 15.67
N GLU A 255 -3.92 -18.38 15.02
CA GLU A 255 -3.03 -18.79 13.94
C GLU A 255 -3.71 -18.66 12.59
N SER A 256 -4.82 -17.92 12.52
CA SER A 256 -5.64 -17.93 11.31
C SER A 256 -6.09 -16.52 10.92
N HIS A 257 -5.22 -15.54 11.11
CA HIS A 257 -5.43 -14.22 10.53
C HIS A 257 -5.14 -14.31 9.03
N THR A 258 -5.94 -13.61 8.22
CA THR A 258 -6.01 -13.89 6.77
C THR A 258 -6.23 -12.60 5.96
N GLY A 259 -5.97 -12.72 4.65
CA GLY A 259 -6.39 -11.71 3.69
C GLY A 259 -5.43 -10.54 3.55
N THR A 260 -5.86 -9.58 2.73
CA THR A 260 -5.11 -8.35 2.55
C THR A 260 -4.84 -7.67 3.89
N SER A 261 -5.74 -7.84 4.85
CA SER A 261 -5.62 -7.16 6.13
C SER A 261 -4.33 -7.52 6.83
N ALA A 262 -3.81 -8.73 6.60
CA ALA A 262 -2.60 -9.16 7.28
C ALA A 262 -1.33 -8.61 6.62
N SER A 263 -1.41 -8.21 5.34
CA SER A 263 -0.18 -7.81 4.65
C SER A 263 0.28 -6.41 5.02
N ALA A 264 -0.63 -5.44 5.12
CA ALA A 264 -0.23 -4.08 5.48
C ALA A 264 0.49 -4.02 6.82
N PRO A 265 -0.01 -4.66 7.91
CA PRO A 265 0.72 -4.58 9.19
C PRO A 265 2.13 -5.14 9.12
N LEU A 266 2.33 -6.25 8.41
CA LEU A 266 3.68 -6.79 8.26
C LEU A 266 4.59 -5.78 7.56
N ALA A 267 4.07 -5.11 6.52
CA ALA A 267 4.85 -4.06 5.86
C ALA A 267 5.13 -2.91 6.82
N ALA A 268 4.13 -2.51 7.61
CA ALA A 268 4.35 -1.44 8.55
C ALA A 268 5.44 -1.80 9.55
N GLY A 269 5.46 -3.06 10.00
CA GLY A 269 6.53 -3.50 10.88
C GLY A 269 7.90 -3.43 10.22
N ILE A 270 7.99 -3.88 8.98
CA ILE A 270 9.27 -3.83 8.26
C ILE A 270 9.71 -2.38 8.10
N ILE A 271 8.77 -1.49 7.81
CA ILE A 271 9.10 -0.08 7.69
C ILE A 271 9.54 0.50 9.04
N ALA A 272 8.95 0.02 10.13
CA ALA A 272 9.39 0.44 11.45
C ALA A 272 10.85 0.09 11.68
N LEU A 273 11.24 -1.15 11.35
CA LEU A 273 12.65 -1.54 11.44
C LEU A 273 13.53 -0.62 10.61
N THR A 274 13.05 -0.28 9.41
CA THR A 274 13.82 0.58 8.50
C THR A 274 14.00 1.98 9.08
N LEU A 275 12.94 2.55 9.66
CA LEU A 275 13.06 3.86 10.27
C LEU A 275 14.04 3.83 11.45
N GLU A 276 14.06 2.72 12.21
CA GLU A 276 15.04 2.62 13.28
C GLU A 276 16.45 2.68 12.71
N ALA A 277 16.67 2.06 11.55
CA ALA A 277 17.99 2.07 10.95
C ALA A 277 18.38 3.46 10.43
N ASN A 278 17.41 4.30 10.14
CA ASN A 278 17.71 5.67 9.69
C ASN A 278 16.46 6.50 9.94
N LYS A 279 16.46 7.26 11.04
CA LYS A 279 15.30 8.06 11.41
C LYS A 279 15.08 9.24 10.47
N ASN A 280 16.04 9.55 9.60
CA ASN A 280 15.97 10.73 8.75
C ASN A 280 15.34 10.46 7.38
N LEU A 281 14.80 9.26 7.17
CA LEU A 281 14.17 8.91 5.90
C LEU A 281 12.88 9.70 5.72
N THR A 282 12.70 10.27 4.53
CA THR A 282 11.46 10.94 4.20
C THR A 282 10.44 9.92 3.72
N TRP A 283 9.19 10.36 3.58
CA TRP A 283 8.15 9.45 3.07
C TRP A 283 8.49 8.95 1.67
N ARG A 284 9.16 9.78 0.86
CA ARG A 284 9.56 9.34 -0.46
C ARG A 284 10.80 8.44 -0.42
N ASP A 285 11.78 8.76 0.46
CA ASP A 285 12.88 7.83 0.69
C ASP A 285 12.36 6.42 0.91
N MET A 286 11.33 6.29 1.76
CA MET A 286 10.85 4.97 2.13
C MET A 286 10.33 4.20 0.91
N GLN A 287 9.61 4.88 0.02
CA GLN A 287 9.12 4.20 -1.18
C GLN A 287 10.27 3.82 -2.11
N HIS A 288 11.27 4.70 -2.22
CA HIS A 288 12.48 4.33 -2.97
C HIS A 288 13.13 3.05 -2.42
N LEU A 289 13.28 2.97 -1.09
CA LEU A 289 13.89 1.77 -0.50
C LEU A 289 13.08 0.52 -0.84
N VAL A 290 11.76 0.61 -0.73
CA VAL A 290 10.89 -0.53 -1.05
C VAL A 290 11.08 -0.96 -2.51
N VAL A 291 11.10 0.02 -3.43
CA VAL A 291 11.28 -0.30 -4.85
C VAL A 291 12.63 -0.99 -5.06
N GLN A 292 13.70 -0.48 -4.44
CA GLN A 292 15.02 -1.02 -4.75
C GLN A 292 15.26 -2.38 -4.11
N THR A 293 14.63 -2.68 -2.98
CA THR A 293 15.00 -3.88 -2.23
C THR A 293 14.00 -5.03 -2.34
N SER A 294 12.81 -4.80 -2.89
CA SER A 294 11.81 -5.86 -2.90
C SER A 294 12.18 -6.92 -3.93
N LYS A 295 11.75 -8.15 -3.67
CA LYS A 295 12.28 -9.34 -4.32
C LYS A 295 11.17 -10.08 -5.06
N PRO A 296 11.24 -10.19 -6.40
CA PRO A 296 10.23 -10.98 -7.11
C PRO A 296 10.39 -12.48 -6.93
N ALA A 297 11.58 -12.93 -6.55
CA ALA A 297 11.96 -14.33 -6.72
C ALA A 297 10.96 -15.28 -6.09
N HIS A 298 10.56 -16.29 -6.85
CA HIS A 298 9.68 -17.37 -6.41
C HIS A 298 8.26 -16.91 -6.10
N LEU A 299 7.88 -15.70 -6.51
CA LEU A 299 6.47 -15.32 -6.55
C LEU A 299 5.96 -15.59 -7.95
N ASN A 300 4.88 -16.36 -8.05
CA ASN A 300 4.33 -16.79 -9.34
C ASN A 300 3.26 -15.83 -9.81
N ALA A 301 3.41 -15.34 -11.05
CA ALA A 301 2.40 -14.51 -11.69
C ALA A 301 2.54 -14.66 -13.20
N ASN A 302 1.45 -14.42 -13.92
CA ASN A 302 1.47 -14.51 -15.37
C ASN A 302 1.84 -13.19 -16.04
N ASP A 303 2.10 -12.12 -15.27
CA ASP A 303 2.27 -10.80 -15.86
C ASP A 303 3.58 -10.13 -15.45
N TRP A 304 4.56 -10.87 -14.96
CA TRP A 304 5.85 -10.26 -14.63
C TRP A 304 6.41 -9.60 -15.88
N ALA A 305 6.87 -8.37 -15.74
CA ALA A 305 7.48 -7.65 -16.84
C ALA A 305 8.66 -6.87 -16.29
N THR A 306 9.66 -6.66 -17.14
CA THR A 306 10.85 -5.91 -16.77
C THR A 306 10.66 -4.48 -17.26
N ASN A 307 10.79 -3.50 -16.36
CA ASN A 307 10.54 -2.12 -16.73
C ASN A 307 11.80 -1.53 -17.40
N GLY A 308 11.82 -0.20 -17.57
CA GLY A 308 12.90 0.41 -18.35
C GLY A 308 14.21 0.51 -17.64
N VAL A 309 14.24 0.25 -16.33
CA VAL A 309 15.49 0.23 -15.59
C VAL A 309 15.80 -1.18 -15.09
N GLY A 310 15.19 -2.19 -15.71
CA GLY A 310 15.57 -3.55 -15.48
C GLY A 310 14.96 -4.20 -14.25
N ARG A 311 13.98 -3.57 -13.62
CA ARG A 311 13.32 -4.15 -12.44
C ARG A 311 12.08 -4.91 -12.86
N LYS A 312 11.89 -6.10 -12.28
CA LYS A 312 10.70 -6.89 -12.54
C LYS A 312 9.52 -6.33 -11.74
N VAL A 313 8.36 -6.27 -12.39
CA VAL A 313 7.19 -5.69 -11.75
C VAL A 313 5.96 -6.46 -12.22
N SER A 314 5.03 -6.70 -11.29
CA SER A 314 3.78 -7.40 -11.55
C SER A 314 2.62 -6.57 -11.01
N HIS A 315 1.46 -6.66 -11.67
CA HIS A 315 0.30 -5.97 -11.14
C HIS A 315 -0.26 -6.67 -9.89
N SER A 316 0.09 -7.94 -9.67
CA SER A 316 -0.33 -8.62 -8.45
C SER A 316 0.58 -8.31 -7.28
N TYR A 317 1.84 -7.95 -7.53
CA TYR A 317 2.85 -7.91 -6.49
C TYR A 317 3.67 -6.63 -6.42
N GLY A 318 3.48 -5.69 -7.34
CA GLY A 318 4.38 -4.54 -7.34
C GLY A 318 5.78 -5.02 -7.65
N TYR A 319 6.76 -4.56 -6.88
CA TYR A 319 8.15 -4.96 -7.07
C TYR A 319 8.50 -6.26 -6.37
N GLY A 320 7.53 -6.89 -5.73
CA GLY A 320 7.73 -8.19 -5.13
C GLY A 320 7.66 -8.15 -3.62
N LEU A 321 8.23 -9.20 -3.02
CA LEU A 321 8.19 -9.39 -1.58
C LEU A 321 9.09 -8.40 -0.87
N LEU A 322 8.60 -7.81 0.22
CA LEU A 322 9.49 -7.01 1.05
C LEU A 322 10.63 -7.87 1.59
N ASP A 323 11.77 -7.24 1.82
CA ASP A 323 12.97 -7.91 2.33
C ASP A 323 13.50 -7.03 3.45
N ALA A 324 13.19 -7.41 4.70
CA ALA A 324 13.52 -6.54 5.83
C ALA A 324 15.02 -6.37 5.99
N GLY A 325 15.77 -7.46 5.86
CA GLY A 325 17.22 -7.35 5.98
C GLY A 325 17.81 -6.38 4.96
N ALA A 326 17.32 -6.45 3.72
CA ALA A 326 17.83 -5.55 2.68
C ALA A 326 17.39 -4.11 2.92
N MET A 327 16.15 -3.92 3.38
CA MET A 327 15.67 -2.58 3.73
C MET A 327 16.57 -1.91 4.76
N VAL A 328 16.81 -2.57 5.90
CA VAL A 328 17.57 -1.91 6.95
C VAL A 328 19.03 -1.72 6.53
N ALA A 329 19.57 -2.61 5.72
CA ALA A 329 20.95 -2.45 5.27
C ALA A 329 21.08 -1.24 4.35
N LEU A 330 20.17 -1.11 3.38
CA LEU A 330 20.22 0.01 2.45
C LEU A 330 19.88 1.33 3.12
N ALA A 331 19.05 1.30 4.17
CA ALA A 331 18.63 2.55 4.81
C ALA A 331 19.79 3.25 5.52
N GLN A 332 20.79 2.49 6.00
CA GLN A 332 21.75 3.07 6.93
C GLN A 332 22.56 4.19 6.31
N ASN A 333 23.07 4.00 5.09
CA ASN A 333 23.83 5.06 4.44
C ASN A 333 23.05 5.78 3.34
N TRP A 334 21.71 5.75 3.42
CA TRP A 334 20.86 6.34 2.39
C TRP A 334 21.05 7.84 2.27
N THR A 335 21.19 8.33 1.04
CA THR A 335 21.22 9.75 0.75
C THR A 335 19.81 10.22 0.44
N THR A 336 19.32 11.22 1.19
CA THR A 336 17.97 11.75 0.99
C THR A 336 17.73 12.12 -0.47
N VAL A 337 16.59 11.70 -1.01
CA VAL A 337 16.28 12.03 -2.39
C VAL A 337 16.06 13.54 -2.52
N ALA A 338 16.22 14.03 -3.74
CA ALA A 338 16.02 15.44 -4.02
C ALA A 338 14.55 15.81 -3.85
N PRO A 339 14.24 17.10 -3.69
CA PRO A 339 12.84 17.49 -3.54
C PRO A 339 11.99 16.99 -4.70
N GLN A 340 10.74 16.70 -4.40
CA GLN A 340 9.83 16.15 -5.41
C GLN A 340 9.42 17.23 -6.41
N ARG A 341 9.55 16.92 -7.70
CA ARG A 341 9.07 17.79 -8.76
C ARG A 341 7.79 17.21 -9.33
N LYS A 342 6.95 18.08 -9.88
CA LYS A 342 5.66 17.69 -10.42
C LYS A 342 5.51 18.34 -11.79
N CYS A 343 5.33 17.54 -12.82
CA CYS A 343 5.19 18.05 -14.19
C CYS A 343 3.80 17.66 -14.70
N ILE A 344 3.01 18.66 -15.05
CA ILE A 344 1.60 18.49 -15.43
C ILE A 344 1.51 18.64 -16.94
N ILE A 345 1.05 17.61 -17.65
CA ILE A 345 1.01 17.64 -19.11
C ILE A 345 -0.42 17.37 -19.54
N ASP A 346 -1.08 18.37 -20.12
CA ASP A 346 -2.44 18.16 -20.63
C ASP A 346 -2.34 17.56 -22.02
N ILE A 347 -2.85 16.34 -22.20
CA ILE A 347 -2.52 15.56 -23.40
C ILE A 347 -3.47 15.89 -24.55
N LEU A 348 -4.76 16.06 -24.28
CA LEU A 348 -5.75 16.19 -25.35
C LEU A 348 -5.84 17.62 -25.90
N THR A 349 -6.08 17.74 -27.21
CA THR A 349 -6.51 19.02 -27.78
C THR A 349 -8.00 19.05 -28.12
N GLU A 350 -8.65 17.89 -28.17
CA GLU A 350 -10.07 17.79 -28.44
C GLU A 350 -10.56 16.48 -27.83
N PRO A 351 -11.86 16.36 -27.56
CA PRO A 351 -12.38 15.08 -27.06
C PRO A 351 -12.26 14.00 -28.12
N LYS A 352 -12.19 12.74 -27.65
CA LYS A 352 -12.05 11.58 -28.53
C LYS A 352 -13.11 10.55 -28.17
N ASP A 353 -13.87 10.13 -29.18
CA ASP A 353 -14.82 9.03 -28.97
C ASP A 353 -14.05 7.74 -28.70
N ILE A 354 -14.52 6.96 -27.73
N ILE A 354 -14.51 6.98 -27.71
CA ILE A 354 -13.83 5.73 -27.38
CA ILE A 354 -13.85 5.73 -27.36
C ILE A 354 -14.18 4.62 -28.36
C ILE A 354 -14.18 4.64 -28.38
N GLY A 355 -15.46 4.42 -28.63
CA GLY A 355 -15.85 3.36 -29.54
C GLY A 355 -15.31 2.01 -29.08
N LYS A 356 -14.87 1.21 -30.06
CA LYS A 356 -14.34 -0.11 -29.73
C LYS A 356 -12.96 -0.02 -29.10
N ARG A 357 -12.15 0.94 -29.55
CA ARG A 357 -10.78 1.08 -29.09
C ARG A 357 -10.31 2.49 -29.39
N LEU A 358 -9.55 3.07 -28.45
CA LEU A 358 -8.95 4.38 -28.64
C LEU A 358 -7.50 4.29 -28.24
N GLU A 359 -6.62 4.83 -29.07
CA GLU A 359 -5.21 4.95 -28.75
C GLU A 359 -4.81 6.41 -28.85
N VAL A 360 -4.24 6.95 -27.77
CA VAL A 360 -3.79 8.34 -27.73
C VAL A 360 -2.28 8.32 -27.50
N ARG A 361 -1.53 8.82 -28.48
CA ARG A 361 -0.09 8.91 -28.39
C ARG A 361 0.32 10.35 -28.18
N LYS A 362 1.29 10.58 -27.31
CA LYS A 362 1.77 11.95 -27.09
C LYS A 362 3.24 11.89 -26.73
N THR A 363 4.06 12.64 -27.45
CA THR A 363 5.47 12.76 -27.13
C THR A 363 5.66 13.94 -26.19
N VAL A 364 6.28 13.71 -25.04
CA VAL A 364 6.39 14.76 -24.04
C VAL A 364 7.86 15.08 -23.79
N THR A 365 8.11 16.29 -23.29
CA THR A 365 9.44 16.68 -22.84
C THR A 365 9.57 16.69 -21.32
N ALA A 366 8.48 16.47 -20.57
CA ALA A 366 8.51 16.37 -19.11
C ALA A 366 9.17 17.60 -18.51
N CYS A 367 8.70 18.78 -18.94
CA CYS A 367 9.04 20.07 -18.36
C CYS A 367 10.51 20.42 -18.57
N LEU A 368 11.09 19.95 -19.67
CA LEU A 368 12.43 20.33 -20.10
C LEU A 368 12.64 21.84 -19.97
N GLY A 369 13.79 22.22 -19.39
CA GLY A 369 14.17 23.61 -19.28
C GLY A 369 13.54 24.35 -18.12
N GLU A 370 12.74 23.67 -17.31
CA GLU A 370 12.00 24.25 -16.21
C GLU A 370 12.44 23.62 -14.89
N PRO A 371 12.17 24.27 -13.75
CA PRO A 371 12.57 23.68 -12.46
C PRO A 371 11.85 22.39 -12.13
N ASN A 372 10.74 22.07 -12.78
CA ASN A 372 10.10 20.79 -12.52
C ASN A 372 10.44 19.75 -13.58
N HIS A 373 11.51 19.97 -14.35
CA HIS A 373 12.03 18.95 -15.28
C HIS A 373 12.29 17.63 -14.55
N ILE A 374 11.73 16.54 -15.06
CA ILE A 374 11.85 15.21 -14.46
C ILE A 374 12.58 14.30 -15.43
N THR A 375 13.74 13.80 -15.01
CA THR A 375 14.41 12.72 -15.71
C THR A 375 14.35 11.39 -14.98
N ARG A 376 13.96 11.40 -13.70
CA ARG A 376 13.82 10.19 -12.87
C ARG A 376 12.39 10.15 -12.36
N LEU A 377 11.56 9.31 -12.95
CA LEU A 377 10.17 9.24 -12.56
C LEU A 377 9.99 8.57 -11.21
N GLU A 378 9.01 9.04 -10.43
CA GLU A 378 8.56 8.27 -9.28
C GLU A 378 7.18 7.74 -9.65
N HIS A 379 6.11 8.30 -9.08
CA HIS A 379 4.76 7.97 -9.50
C HIS A 379 4.41 8.69 -10.80
N ALA A 380 3.57 8.04 -11.61
CA ALA A 380 2.94 8.69 -12.74
C ALA A 380 1.44 8.47 -12.65
N GLN A 381 0.68 9.51 -12.94
CA GLN A 381 -0.78 9.45 -12.95
C GLN A 381 -1.31 9.79 -14.34
N ALA A 382 -2.33 9.07 -14.75
CA ALA A 382 -3.14 9.45 -15.90
C ALA A 382 -4.48 9.85 -15.31
N ARG A 383 -4.72 11.15 -15.23
CA ARG A 383 -5.98 11.67 -14.69
C ARG A 383 -6.97 11.75 -15.84
N LEU A 384 -7.95 10.85 -15.85
CA LEU A 384 -8.84 10.68 -16.98
C LEU A 384 -10.25 11.18 -16.66
N THR A 385 -10.84 11.88 -17.61
CA THR A 385 -12.27 12.20 -17.55
C THR A 385 -12.90 11.63 -18.80
N LEU A 386 -13.89 10.74 -18.62
CA LEU A 386 -14.52 10.09 -19.75
C LEU A 386 -15.94 9.70 -19.37
N SER A 387 -16.77 9.58 -20.39
CA SER A 387 -18.10 9.02 -20.26
C SER A 387 -18.11 7.67 -20.95
N TYR A 388 -18.98 6.78 -20.47
CA TYR A 388 -19.10 5.45 -21.07
C TYR A 388 -20.41 4.84 -20.56
N ASN A 389 -20.98 3.95 -21.36
CA ASN A 389 -22.27 3.40 -20.96
C ASN A 389 -22.14 2.24 -19.97
N ARG A 390 -21.05 1.46 -20.00
CA ARG A 390 -20.86 0.39 -19.01
C ARG A 390 -19.40 0.35 -18.58
N ARG A 391 -19.10 0.96 -17.43
CA ARG A 391 -17.73 1.26 -17.05
C ARG A 391 -16.87 0.02 -16.97
N GLY A 392 -17.42 -1.07 -16.43
CA GLY A 392 -16.63 -2.28 -16.22
C GLY A 392 -16.20 -3.01 -17.47
N ASP A 393 -16.72 -2.63 -18.64
CA ASP A 393 -16.24 -3.20 -19.88
C ASP A 393 -14.92 -2.59 -20.34
N LEU A 394 -14.52 -1.47 -19.75
CA LEU A 394 -13.30 -0.78 -20.17
C LEU A 394 -12.05 -1.48 -19.61
N ALA A 395 -11.01 -1.54 -20.45
CA ALA A 395 -9.66 -1.78 -19.99
C ALA A 395 -8.79 -0.64 -20.47
N ILE A 396 -7.89 -0.17 -19.60
CA ILE A 396 -7.08 1.02 -19.88
C ILE A 396 -5.62 0.67 -19.61
N HIS A 397 -4.76 0.94 -20.59
CA HIS A 397 -3.34 0.70 -20.45
C HIS A 397 -2.58 1.98 -20.77
N LEU A 398 -1.44 2.14 -20.09
CA LEU A 398 -0.55 3.27 -20.29
C LEU A 398 0.85 2.73 -20.53
N VAL A 399 1.47 3.13 -21.64
CA VAL A 399 2.80 2.67 -22.02
C VAL A 399 3.76 3.84 -21.90
N SER A 400 4.85 3.64 -21.15
CA SER A 400 5.86 4.67 -20.95
C SER A 400 6.80 4.73 -22.15
N PRO A 401 7.57 5.81 -22.27
CA PRO A 401 8.59 5.86 -23.34
C PRO A 401 9.60 4.74 -23.27
N MET A 402 9.88 4.20 -22.09
CA MET A 402 10.78 3.07 -21.96
C MET A 402 10.09 1.75 -22.27
N GLY A 403 8.86 1.78 -22.76
CA GLY A 403 8.16 0.59 -23.18
C GLY A 403 7.45 -0.17 -22.07
N THR A 404 7.29 0.41 -20.89
CA THR A 404 6.66 -0.30 -19.77
C THR A 404 5.14 -0.12 -19.86
N ARG A 405 4.43 -1.23 -19.98
CA ARG A 405 2.99 -1.21 -20.18
C ARG A 405 2.31 -1.41 -18.83
N SER A 406 1.66 -0.36 -18.33
CA SER A 406 0.93 -0.42 -17.07
C SER A 406 -0.55 -0.62 -17.37
N THR A 407 -1.16 -1.62 -16.73
CA THR A 407 -2.61 -1.77 -16.77
C THR A 407 -3.18 -0.80 -15.75
N LEU A 408 -3.73 0.31 -16.22
CA LEU A 408 -4.40 1.23 -15.32
C LEU A 408 -5.74 0.71 -14.87
N LEU A 409 -6.43 -0.03 -15.74
CA LEU A 409 -7.76 -0.54 -15.40
C LEU A 409 -7.99 -1.81 -16.19
N ALA A 410 -8.32 -2.91 -15.49
CA ALA A 410 -8.74 -4.14 -16.14
C ALA A 410 -10.26 -4.22 -16.09
N ALA A 411 -10.82 -5.07 -16.96
CA ALA A 411 -12.27 -5.25 -16.98
C ALA A 411 -12.79 -5.59 -15.59
N ARG A 412 -13.92 -4.99 -15.22
CA ARG A 412 -14.60 -5.34 -13.97
C ARG A 412 -16.00 -5.81 -14.31
N PRO A 413 -16.24 -7.12 -14.35
CA PRO A 413 -17.54 -7.63 -14.82
C PRO A 413 -18.73 -7.11 -14.05
N HIS A 414 -18.57 -6.79 -12.76
CA HIS A 414 -19.68 -6.31 -11.95
C HIS A 414 -19.90 -4.81 -12.04
N ASP A 415 -19.03 -4.06 -12.70
CA ASP A 415 -19.16 -2.60 -12.74
C ASP A 415 -20.05 -2.24 -13.93
N TYR A 416 -21.34 -2.07 -13.66
CA TYR A 416 -22.32 -1.70 -14.68
C TYR A 416 -22.50 -0.19 -14.80
N SER A 417 -21.75 0.60 -14.03
CA SER A 417 -22.01 2.02 -13.91
C SER A 417 -21.98 2.74 -15.25
N ALA A 418 -22.89 3.69 -15.42
CA ALA A 418 -22.87 4.62 -16.53
C ALA A 418 -22.24 5.96 -16.16
N ASP A 419 -21.63 6.06 -14.98
CA ASP A 419 -21.08 7.32 -14.50
C ASP A 419 -19.68 7.64 -15.04
N GLY A 420 -19.03 6.71 -15.74
CA GLY A 420 -17.70 7.00 -16.26
C GLY A 420 -16.70 7.36 -15.16
N PHE A 421 -15.69 8.14 -15.52
CA PHE A 421 -14.65 8.59 -14.60
C PHE A 421 -14.57 10.10 -14.67
N ASN A 422 -14.49 10.74 -13.52
N ASN A 422 -14.48 10.75 -13.52
CA ASN A 422 -14.46 12.19 -13.40
CA ASN A 422 -14.45 12.21 -13.44
C ASN A 422 -13.09 12.59 -12.83
C ASN A 422 -13.12 12.62 -12.85
N ASP A 423 -12.14 12.84 -13.73
CA ASP A 423 -10.77 13.23 -13.33
C ASP A 423 -10.19 12.24 -12.33
N TRP A 424 -10.32 10.96 -12.65
CA TRP A 424 -9.83 9.90 -11.77
C TRP A 424 -8.34 9.69 -12.03
N ALA A 425 -7.53 9.72 -10.95
CA ALA A 425 -6.07 9.72 -11.08
C ALA A 425 -5.51 8.29 -11.02
N PHE A 426 -5.65 7.56 -12.14
CA PHE A 426 -5.05 6.23 -12.21
C PHE A 426 -3.55 6.35 -12.03
N MET A 427 -2.97 5.54 -11.15
CA MET A 427 -1.56 5.69 -10.79
C MET A 427 -0.78 4.42 -11.10
N THR A 428 0.45 4.58 -11.57
CA THR A 428 1.32 3.43 -11.76
C THR A 428 2.66 3.69 -11.09
N THR A 429 3.15 2.65 -10.42
CA THR A 429 4.50 2.62 -9.86
C THR A 429 5.47 1.90 -10.78
N HIS A 430 5.00 1.36 -11.90
CA HIS A 430 5.81 0.43 -12.69
C HIS A 430 6.89 1.14 -13.50
N SER A 431 6.84 2.45 -13.64
CA SER A 431 7.87 3.17 -14.38
C SER A 431 8.81 3.94 -13.46
N TRP A 432 8.77 3.62 -12.17
CA TRP A 432 9.67 4.20 -11.19
C TRP A 432 11.12 4.16 -11.70
N ASP A 433 11.79 5.31 -11.62
CA ASP A 433 13.19 5.57 -11.97
C ASP A 433 13.42 5.67 -13.48
N GLU A 434 12.39 5.49 -14.32
CA GLU A 434 12.54 5.67 -15.76
C GLU A 434 12.59 7.15 -16.14
N ASP A 435 13.23 7.43 -17.27
CA ASP A 435 13.17 8.75 -17.86
C ASP A 435 11.84 8.91 -18.56
N PRO A 436 11.01 9.88 -18.18
CA PRO A 436 9.67 9.99 -18.80
C PRO A 436 9.61 10.80 -20.08
N SER A 437 10.74 11.28 -20.60
CA SER A 437 10.74 12.01 -21.87
C SER A 437 10.41 11.07 -23.01
N GLY A 438 9.63 11.53 -23.99
CA GLY A 438 9.33 10.69 -25.13
C GLY A 438 7.87 10.32 -25.29
N GLU A 439 7.58 9.23 -26.01
CA GLU A 439 6.21 8.92 -26.41
C GLU A 439 5.50 8.12 -25.32
N TRP A 440 4.40 8.68 -24.82
CA TRP A 440 3.49 7.94 -23.95
C TRP A 440 2.29 7.51 -24.78
N VAL A 441 1.76 6.33 -24.48
CA VAL A 441 0.61 5.80 -25.21
C VAL A 441 -0.47 5.42 -24.20
N LEU A 442 -1.66 6.02 -24.34
CA LEU A 442 -2.83 5.59 -23.58
C LEU A 442 -3.73 4.77 -24.50
N GLU A 443 -4.16 3.62 -24.01
CA GLU A 443 -5.03 2.71 -24.75
C GLU A 443 -6.29 2.49 -23.93
N ILE A 444 -7.44 2.73 -24.55
CA ILE A 444 -8.75 2.45 -23.94
C ILE A 444 -9.48 1.51 -24.86
N GLU A 445 -9.93 0.37 -24.33
CA GLU A 445 -10.60 -0.60 -25.18
C GLU A 445 -11.84 -1.17 -24.51
N ASN A 446 -12.80 -1.50 -25.35
CA ASN A 446 -14.01 -2.21 -24.96
C ASN A 446 -13.68 -3.70 -25.00
N THR A 447 -13.67 -4.34 -23.83
CA THR A 447 -13.37 -5.77 -23.74
C THR A 447 -14.59 -6.65 -23.97
N SER A 448 -15.76 -6.07 -24.20
CA SER A 448 -16.97 -6.85 -24.41
C SER A 448 -17.36 -6.80 -25.88
N GLU A 449 -18.26 -7.69 -26.26
CA GLU A 449 -18.80 -7.64 -27.63
C GLU A 449 -19.96 -6.67 -27.77
N ALA A 450 -20.34 -5.98 -26.70
CA ALA A 450 -21.45 -5.04 -26.76
C ALA A 450 -21.07 -3.79 -27.53
N ASN A 451 -22.09 -3.13 -28.07
CA ASN A 451 -21.87 -1.89 -28.81
C ASN A 451 -21.89 -0.75 -27.80
N ASN A 452 -20.77 -0.59 -27.11
CA ASN A 452 -20.64 0.45 -26.11
C ASN A 452 -20.23 1.76 -26.76
N TYR A 453 -20.33 2.84 -26.00
CA TYR A 453 -20.06 4.17 -26.54
C TYR A 453 -19.66 5.12 -25.42
N GLY A 454 -18.82 6.09 -25.75
CA GLY A 454 -18.40 7.08 -24.79
C GLY A 454 -17.33 7.97 -25.38
N THR A 455 -16.88 8.91 -24.56
CA THR A 455 -15.98 9.97 -25.03
C THR A 455 -14.95 10.27 -23.96
N LEU A 456 -13.68 10.26 -24.34
CA LEU A 456 -12.60 10.72 -23.48
C LEU A 456 -12.47 12.24 -23.66
N THR A 457 -12.73 13.00 -22.60
CA THR A 457 -12.69 14.45 -22.71
C THR A 457 -11.50 15.10 -22.04
N LYS A 458 -10.78 14.40 -21.17
CA LYS A 458 -9.58 14.96 -20.59
C LYS A 458 -8.61 13.86 -20.20
N PHE A 459 -7.34 14.08 -20.50
CA PHE A 459 -6.25 13.17 -20.13
C PHE A 459 -5.10 14.06 -19.69
N THR A 460 -4.91 14.16 -18.37
CA THR A 460 -3.78 14.88 -17.81
C THR A 460 -2.75 13.85 -17.37
N LEU A 461 -1.56 13.91 -17.96
CA LEU A 461 -0.45 13.08 -17.51
C LEU A 461 0.27 13.87 -16.42
N VAL A 462 0.27 13.36 -15.20
CA VAL A 462 0.95 14.00 -14.09
C VAL A 462 2.14 13.14 -13.71
N LEU A 463 3.34 13.70 -13.84
CA LEU A 463 4.58 13.01 -13.51
C LEU A 463 5.16 13.60 -12.24
N TYR A 464 5.61 12.74 -11.35
CA TYR A 464 6.34 13.12 -10.16
C TYR A 464 7.74 12.54 -10.24
N GLY A 465 8.71 13.24 -9.67
CA GLY A 465 10.06 12.67 -9.65
C GLY A 465 11.12 13.75 -9.46
N THR A 466 12.34 13.43 -9.91
CA THR A 466 13.50 14.28 -9.71
C THR A 466 14.31 14.31 -11.00
N ALA A 467 15.47 14.98 -10.96
CA ALA A 467 16.35 15.01 -12.11
C ALA A 467 17.79 14.69 -11.73
N SER A 468 18.00 13.82 -10.74
CA SER A 468 19.36 13.53 -10.32
C SER A 468 19.40 12.21 -9.58
N GLY A 469 20.57 11.59 -9.58
CA GLY A 469 20.86 10.51 -8.65
C GLY A 469 20.55 9.11 -9.12
N SER A 470 20.43 8.87 -10.42
CA SER A 470 20.07 7.53 -10.90
C SER A 470 21.15 6.51 -10.62
N LEU A 471 20.71 5.26 -10.41
CA LEU A 471 21.57 4.09 -10.38
C LEU A 471 21.69 3.53 -11.78
N VAL A 472 22.77 2.79 -12.00
CA VAL A 472 22.87 1.99 -13.22
C VAL A 472 21.72 1.00 -13.25
N PRO A 473 21.01 0.84 -14.36
CA PRO A 473 19.86 -0.07 -14.38
C PRO A 473 20.24 -1.49 -14.01
N ARG A 474 19.31 -2.18 -13.34
CA ARG A 474 19.48 -3.55 -12.85
C ARG A 474 19.77 -4.54 -13.97
N ARG B 1 -21.80 -0.33 3.84
CA ARG B 1 -20.85 0.48 4.61
C ARG B 1 -20.04 1.34 3.65
N ARG B 2 -19.70 2.55 4.09
CA ARG B 2 -18.87 3.41 3.24
C ARG B 2 -17.43 2.83 3.21
N ARG B 3 -16.97 2.33 4.37
CA ARG B 3 -15.60 1.77 4.51
C ARG B 3 -15.70 0.43 5.25
N VAL B 4 -14.96 -0.58 4.76
CA VAL B 4 -15.05 -1.93 5.36
C VAL B 4 -13.66 -2.42 5.77
N ARG B 5 -13.67 -3.37 6.74
CA ARG B 5 -12.43 -4.01 7.19
C ARG B 5 -11.92 -4.81 6.00
#